data_3HKM
#
_entry.id   3HKM
#
_cell.length_a   111.607
_cell.length_b   111.607
_cell.length_c   57.702
_cell.angle_alpha   90.00
_cell.angle_beta   90.00
_cell.angle_gamma   120.00
#
_symmetry.space_group_name_H-M   'P 31'
#
loop_
_entity.id
_entity.type
_entity.pdbx_description
1 polymer 'Os03g0854200 protein'
2 water water
#
_entity_poly.entity_id   1
_entity_poly.type   'polypeptide(L)'
_entity_poly.pdbx_seq_one_letter_code
;MEESRADGRNPNQLRPFSCTRNPLDRAHGSARWAQGDTIVLAAVYGPKPGTRKGENPEKASIEVVWKPMTGQIGKQEKEY
EMTLKRTLQSICLLTVHPNTTTSVILQVVGNDGSLLPCAINACCAALVFAGIPLKHLAVAIGCGVLEDGEVILDTNKAEE
QQLKSFAHLVFPNSRKSASSKEPNQKEEDSERGLITSITHGVMSEEDYFSCIERGLAASSRISDFMRTTLQKQAPGDVLE
HHHHHH
;
_entity_poly.pdbx_strand_id   A,B,C
#
# COMPACT_ATOMS: atom_id res chain seq x y z
N ARG A 5 17.56 9.40 -4.35
CA ARG A 5 17.03 8.93 -3.08
C ARG A 5 17.73 9.66 -1.96
N ALA A 6 17.11 9.71 -0.79
CA ALA A 6 17.67 10.43 0.35
C ALA A 6 19.13 10.11 0.58
N ASP A 7 19.45 8.81 0.58
CA ASP A 7 20.81 8.37 0.93
C ASP A 7 21.80 8.63 -0.20
N GLY A 8 21.31 9.06 -1.35
CA GLY A 8 22.18 9.44 -2.44
C GLY A 8 22.34 8.37 -3.49
N ARG A 9 21.59 7.28 -3.34
CA ARG A 9 21.58 6.22 -4.35
C ARG A 9 20.58 6.55 -5.45
N ASN A 10 20.79 6.00 -6.62
CA ASN A 10 19.76 6.04 -7.67
C ASN A 10 18.93 4.76 -7.64
N PRO A 11 17.71 4.83 -8.20
CA PRO A 11 16.73 3.73 -8.13
C PRO A 11 17.28 2.31 -8.26
N ASN A 12 18.17 2.04 -9.20
CA ASN A 12 18.63 0.66 -9.39
C ASN A 12 19.89 0.31 -8.61
N GLN A 13 20.28 1.21 -7.70
CA GLN A 13 21.52 1.05 -6.97
C GLN A 13 21.37 0.21 -5.70
N LEU A 14 22.17 -0.85 -5.61
CA LEU A 14 22.27 -1.66 -4.41
C LEU A 14 23.22 -0.99 -3.40
N ARG A 15 22.86 -1.01 -2.12
CA ARG A 15 23.76 -0.45 -1.12
C ARG A 15 24.99 -1.34 -1.06
N PRO A 16 26.12 -0.80 -0.58
CA PRO A 16 27.34 -1.62 -0.60
C PRO A 16 27.18 -2.86 0.28
N PHE A 17 27.43 -4.05 -0.27
CA PHE A 17 27.39 -5.27 0.55
C PHE A 17 28.78 -5.80 0.87
N SER A 18 28.85 -6.64 1.91
CA SER A 18 30.12 -7.12 2.43
C SER A 18 29.89 -8.44 3.14
N CYS A 19 30.95 -9.19 3.40
CA CYS A 19 30.80 -10.45 4.10
C CYS A 19 32.09 -10.96 4.70
N THR A 20 32.09 -11.22 6.00
CA THR A 20 33.21 -11.95 6.58
C THR A 20 32.94 -13.44 6.49
N ARG A 21 33.83 -14.13 5.80
CA ARG A 21 33.82 -15.60 5.69
C ARG A 21 33.88 -16.26 7.06
N ASN A 22 32.97 -17.21 7.28
CA ASN A 22 32.83 -17.96 8.53
C ASN A 22 33.48 -17.39 9.80
N PRO A 23 32.80 -16.44 10.43
CA PRO A 23 33.28 -15.93 11.72
C PRO A 23 33.25 -17.02 12.80
N LEU A 24 32.30 -17.94 12.69
CA LEU A 24 32.07 -18.93 13.75
C LEU A 24 32.93 -20.18 13.60
N ASP A 25 33.63 -20.54 14.68
CA ASP A 25 34.51 -21.71 14.66
C ASP A 25 33.75 -23.03 14.71
N ARG A 26 32.59 -23.03 15.35
CA ARG A 26 31.83 -24.25 15.58
C ARG A 26 30.96 -24.60 14.38
N ALA A 27 30.68 -23.60 13.55
CA ALA A 27 29.81 -23.78 12.41
C ALA A 27 30.58 -24.44 11.27
N HIS A 28 29.88 -25.22 10.46
CA HIS A 28 30.50 -25.75 9.24
C HIS A 28 30.68 -24.61 8.25
N GLY A 29 29.70 -23.73 8.21
CA GLY A 29 29.78 -22.56 7.37
C GLY A 29 29.05 -21.39 8.02
N SER A 30 29.66 -20.22 7.98
CA SER A 30 28.94 -19.04 8.43
C SER A 30 29.29 -17.80 7.61
N ALA A 31 28.42 -16.79 7.71
CA ALA A 31 28.57 -15.55 6.98
C ALA A 31 27.92 -14.42 7.76
N ARG A 32 28.70 -13.41 8.11
CA ARG A 32 28.12 -12.16 8.58
C ARG A 32 27.97 -11.26 7.36
N TRP A 33 26.74 -11.15 6.88
CA TRP A 33 26.46 -10.47 5.63
C TRP A 33 25.89 -9.07 5.92
N ALA A 34 26.44 -8.06 5.24
CA ALA A 34 25.98 -6.69 5.44
C ALA A 34 25.59 -5.97 4.16
N GLN A 35 24.43 -5.33 4.19
CA GLN A 35 24.06 -4.39 3.15
C GLN A 35 23.69 -3.10 3.85
N GLY A 36 24.49 -2.06 3.65
CA GLY A 36 24.32 -0.85 4.43
C GLY A 36 24.41 -1.22 5.90
N ASP A 37 23.49 -0.67 6.70
CA ASP A 37 23.47 -0.93 8.15
C ASP A 37 22.67 -2.17 8.49
N THR A 38 22.01 -2.74 7.49
CA THR A 38 21.31 -4.00 7.70
C THR A 38 22.33 -5.12 7.66
N ILE A 39 22.58 -5.72 8.82
CA ILE A 39 23.59 -6.76 8.93
C ILE A 39 23.09 -8.01 9.65
N VAL A 40 23.51 -9.16 9.16
CA VAL A 40 23.00 -10.45 9.59
C VAL A 40 24.14 -11.47 9.75
N LEU A 41 24.00 -12.40 10.68
CA LEU A 41 24.95 -13.52 10.80
C LEU A 41 24.27 -14.86 10.53
N ALA A 42 24.81 -15.59 9.55
CA ALA A 42 24.25 -16.88 9.11
C ALA A 42 25.14 -18.06 9.46
N ALA A 43 24.61 -19.03 10.21
CA ALA A 43 25.40 -20.18 10.66
C ALA A 43 24.79 -21.49 10.16
N VAL A 44 25.60 -22.34 9.52
CA VAL A 44 25.13 -23.60 8.97
C VAL A 44 25.93 -24.75 9.53
N TYR A 45 25.27 -25.87 9.84
CA TYR A 45 25.96 -26.96 10.52
C TYR A 45 26.14 -28.27 9.71
N GLY A 46 26.89 -28.20 8.60
CA GLY A 46 27.19 -29.32 7.71
C GLY A 46 26.02 -30.27 7.60
N PRO A 47 26.12 -31.32 6.77
CA PRO A 47 24.98 -32.23 6.88
C PRO A 47 25.20 -33.21 8.03
N LYS A 48 24.27 -33.22 8.99
CA LYS A 48 24.38 -34.08 10.18
C LYS A 48 23.45 -35.31 10.07
N PRO A 49 24.03 -36.52 10.22
CA PRO A 49 23.25 -37.77 10.13
C PRO A 49 22.00 -37.75 11.03
N GLY A 50 20.89 -38.27 10.52
CA GLY A 50 19.68 -38.39 11.31
C GLY A 50 18.59 -37.41 10.87
N THR A 51 17.35 -37.77 11.13
CA THR A 51 16.21 -36.95 10.72
C THR A 51 15.14 -36.86 11.80
N ARG A 52 14.79 -35.64 12.20
CA ARG A 52 13.65 -35.38 13.07
C ARG A 52 12.56 -36.43 12.85
N LYS A 53 11.94 -36.88 13.93
CA LYS A 53 11.01 -38.00 13.86
C LYS A 53 9.82 -37.69 12.93
N GLY A 54 9.54 -36.41 12.77
CA GLY A 54 8.42 -35.98 11.94
C GLY A 54 8.80 -35.68 10.50
N GLU A 55 10.06 -35.96 10.13
CA GLU A 55 10.53 -35.75 8.76
C GLU A 55 10.76 -37.07 8.03
N ASN A 56 11.21 -37.00 6.77
CA ASN A 56 11.12 -38.12 5.81
C ASN A 56 12.29 -39.13 5.64
N PRO A 57 13.37 -38.98 6.42
CA PRO A 57 14.71 -39.52 6.18
C PRO A 57 15.13 -39.98 4.77
N GLU A 58 14.23 -39.97 3.79
CA GLU A 58 14.58 -40.39 2.43
C GLU A 58 15.24 -39.24 1.67
N LYS A 59 14.94 -38.01 2.08
CA LYS A 59 15.55 -36.80 1.52
C LYS A 59 16.24 -36.03 2.63
N ALA A 60 17.19 -35.15 2.27
CA ALA A 60 17.89 -34.34 3.26
C ALA A 60 16.97 -33.27 3.87
N SER A 61 17.16 -33.00 5.15
CA SER A 61 16.38 -32.00 5.87
C SER A 61 17.15 -30.70 6.01
N ILE A 62 16.46 -29.59 5.78
CA ILE A 62 16.99 -28.26 6.04
C ILE A 62 16.06 -27.60 7.05
N GLU A 63 16.62 -27.12 8.16
CA GLU A 63 15.84 -26.50 9.21
C GLU A 63 16.38 -25.10 9.54
N VAL A 64 15.51 -24.19 9.97
CA VAL A 64 15.92 -22.80 10.19
C VAL A 64 15.29 -22.16 11.42
N VAL A 65 16.11 -21.46 12.21
CA VAL A 65 15.60 -20.69 13.31
C VAL A 65 16.05 -19.24 13.15
N TRP A 66 15.06 -18.35 13.14
CA TRP A 66 15.27 -16.93 12.95
C TRP A 66 15.33 -16.29 14.33
N LYS A 67 16.42 -15.59 14.62
CA LYS A 67 16.64 -15.02 15.94
C LYS A 67 16.72 -13.49 15.87
N PRO A 68 15.84 -12.80 16.63
CA PRO A 68 15.77 -11.33 16.62
C PRO A 68 16.99 -10.73 17.29
N MET A 69 17.32 -9.49 16.94
CA MET A 69 18.50 -8.87 17.53
C MET A 69 18.30 -8.59 19.02
N THR A 70 17.08 -8.87 19.50
CA THR A 70 16.75 -8.64 20.90
C THR A 70 15.35 -9.17 21.22
N GLY A 71 15.12 -9.55 22.47
CA GLY A 71 13.84 -10.13 22.87
C GLY A 71 13.56 -11.42 22.13
N GLN A 72 12.28 -11.72 21.90
CA GLN A 72 11.95 -12.90 21.10
C GLN A 72 11.02 -12.66 19.91
N ILE A 73 11.03 -13.65 19.02
CA ILE A 73 10.52 -13.50 17.67
C ILE A 73 9.05 -13.07 17.60
N GLY A 74 8.83 -11.96 16.91
CA GLY A 74 7.50 -11.41 16.71
C GLY A 74 6.81 -11.98 15.49
N LYS A 75 5.62 -11.47 15.20
CA LYS A 75 4.83 -12.00 14.10
C LYS A 75 5.48 -11.74 12.74
N GLN A 76 6.24 -10.66 12.65
CA GLN A 76 6.95 -10.35 11.41
C GLN A 76 8.20 -11.20 11.18
N GLU A 77 9.08 -11.29 12.18
CA GLU A 77 10.31 -12.06 12.01
C GLU A 77 10.07 -13.56 11.98
N LYS A 78 8.84 -13.97 12.28
CA LYS A 78 8.51 -15.40 12.27
C LYS A 78 7.86 -15.80 10.95
N GLU A 79 7.43 -14.81 10.18
CA GLU A 79 7.01 -15.09 8.82
C GLU A 79 8.27 -15.06 7.94
N TYR A 80 9.22 -14.24 8.35
CA TYR A 80 10.52 -14.20 7.69
C TYR A 80 11.20 -15.54 7.85
N GLU A 81 11.12 -16.09 9.07
CA GLU A 81 11.68 -17.40 9.38
C GLU A 81 11.10 -18.44 8.44
N MET A 82 9.79 -18.31 8.21
CA MET A 82 9.03 -19.22 7.34
C MET A 82 9.44 -19.07 5.88
N THR A 83 9.46 -17.84 5.38
CA THR A 83 9.85 -17.60 3.99
C THR A 83 11.25 -18.13 3.74
N LEU A 84 12.17 -17.80 4.63
CA LEU A 84 13.56 -18.25 4.58
C LEU A 84 13.67 -19.78 4.48
N LYS A 85 12.90 -20.50 5.29
CA LYS A 85 12.89 -21.97 5.27
C LYS A 85 12.36 -22.49 3.92
N ARG A 86 11.31 -21.87 3.41
CA ARG A 86 10.77 -22.22 2.08
C ARG A 86 11.83 -22.04 1.01
N THR A 87 12.51 -20.90 1.08
CA THR A 87 13.49 -20.51 0.07
C THR A 87 14.72 -21.41 0.09
N LEU A 88 15.21 -21.72 1.28
CA LEU A 88 16.41 -22.53 1.43
C LEU A 88 16.15 -23.98 1.03
N GLN A 89 15.07 -24.56 1.56
CA GLN A 89 14.69 -25.92 1.18
C GLN A 89 14.55 -26.01 -0.34
N SER A 90 14.09 -24.91 -0.93
CA SER A 90 13.94 -24.80 -2.37
C SER A 90 15.25 -24.91 -3.15
N ILE A 91 16.27 -24.16 -2.72
CA ILE A 91 17.51 -24.11 -3.49
C ILE A 91 18.46 -25.25 -3.19
N CYS A 92 18.29 -25.88 -2.03
CA CYS A 92 19.15 -26.98 -1.64
C CYS A 92 18.84 -28.23 -2.44
N LEU A 93 19.88 -28.92 -2.90
CA LEU A 93 19.67 -30.22 -3.53
C LEU A 93 19.52 -31.30 -2.44
N LEU A 94 18.32 -31.87 -2.35
CA LEU A 94 17.92 -32.67 -1.19
C LEU A 94 18.22 -34.16 -1.33
N THR A 95 18.53 -34.55 -2.57
CA THR A 95 18.72 -35.95 -2.91
C THR A 95 20.17 -36.43 -2.68
N VAL A 96 21.08 -35.52 -2.38
CA VAL A 96 22.49 -35.87 -2.23
C VAL A 96 22.79 -36.57 -0.89
N HIS A 97 22.33 -35.97 0.20
CA HIS A 97 22.64 -36.48 1.53
C HIS A 97 21.40 -36.84 2.32
N PRO A 98 20.75 -37.96 1.96
CA PRO A 98 19.54 -38.47 2.61
C PRO A 98 19.80 -38.82 4.07
N ASN A 99 18.75 -38.83 4.87
CA ASN A 99 18.85 -39.07 6.32
C ASN A 99 19.88 -38.17 6.96
N THR A 100 19.72 -36.86 6.73
CA THR A 100 20.67 -35.88 7.19
C THR A 100 19.94 -34.57 7.52
N THR A 101 20.41 -33.83 8.52
CA THR A 101 19.80 -32.55 8.85
C THR A 101 20.83 -31.43 8.83
N THR A 102 20.53 -30.38 8.06
CA THR A 102 21.33 -29.17 8.06
C THR A 102 20.55 -28.06 8.75
N SER A 103 21.08 -27.55 9.85
CA SER A 103 20.40 -26.51 10.61
C SER A 103 21.00 -25.14 10.34
N VAL A 104 20.15 -24.22 9.91
CA VAL A 104 20.54 -22.85 9.66
C VAL A 104 20.07 -21.95 10.80
N ILE A 105 20.99 -21.18 11.36
CA ILE A 105 20.62 -20.16 12.33
C ILE A 105 20.92 -18.78 11.76
N LEU A 106 19.92 -17.91 11.82
CA LEU A 106 20.02 -16.56 11.32
C LEU A 106 19.89 -15.60 12.49
N GLN A 107 20.96 -14.86 12.76
CA GLN A 107 20.96 -13.89 13.84
C GLN A 107 21.00 -12.48 13.28
N VAL A 108 19.95 -11.70 13.55
CA VAL A 108 19.91 -10.29 13.15
C VAL A 108 20.80 -9.42 14.03
N VAL A 109 21.64 -8.62 13.37
CA VAL A 109 22.61 -7.76 14.05
C VAL A 109 22.16 -6.31 13.98
N GLY A 110 21.69 -5.91 12.80
CA GLY A 110 21.16 -4.58 12.59
C GLY A 110 20.03 -4.63 11.56
N ASN A 111 19.12 -3.66 11.64
CA ASN A 111 18.03 -3.61 10.69
C ASN A 111 17.79 -2.21 10.17
N ASP A 112 18.38 -1.92 9.01
CA ASP A 112 18.11 -0.68 8.29
C ASP A 112 17.39 -0.96 6.99
N GLY A 113 16.57 -2.02 6.97
CA GLY A 113 15.75 -2.31 5.80
C GLY A 113 16.24 -3.48 4.97
N SER A 114 15.35 -4.00 4.11
CA SER A 114 15.57 -5.20 3.29
C SER A 114 16.15 -6.35 4.12
N LEU A 115 15.55 -6.59 5.29
CA LEU A 115 16.07 -7.60 6.23
C LEU A 115 15.91 -9.04 5.75
N LEU A 116 14.78 -9.35 5.13
CA LEU A 116 14.56 -10.70 4.65
C LEU A 116 15.41 -11.00 3.42
N PRO A 117 15.47 -10.06 2.46
CA PRO A 117 16.41 -10.26 1.34
C PRO A 117 17.86 -10.36 1.82
N CYS A 118 18.23 -9.58 2.82
CA CYS A 118 19.58 -9.64 3.35
C CYS A 118 19.83 -11.01 4.01
N ALA A 119 18.90 -11.44 4.86
CA ALA A 119 19.03 -12.73 5.54
C ALA A 119 19.09 -13.88 4.55
N ILE A 120 18.33 -13.77 3.47
CA ILE A 120 18.37 -14.74 2.37
C ILE A 120 19.76 -14.87 1.74
N ASN A 121 20.30 -13.75 1.27
CA ASN A 121 21.64 -13.72 0.69
C ASN A 121 22.71 -14.23 1.65
N ALA A 122 22.63 -13.78 2.89
CA ALA A 122 23.52 -14.24 3.95
C ALA A 122 23.54 -15.75 4.06
N CYS A 123 22.36 -16.34 3.98
CA CYS A 123 22.18 -17.77 4.19
C CYS A 123 22.64 -18.55 2.99
N CYS A 124 22.49 -17.97 1.80
CA CYS A 124 22.99 -18.61 0.59
C CYS A 124 24.50 -18.68 0.62
N ALA A 125 25.13 -17.65 1.17
CA ALA A 125 26.58 -17.62 1.28
C ALA A 125 27.10 -18.63 2.30
N ALA A 126 26.43 -18.71 3.45
CA ALA A 126 26.83 -19.63 4.49
C ALA A 126 26.65 -21.11 4.09
N LEU A 127 25.57 -21.42 3.39
CA LEU A 127 25.37 -22.78 2.85
C LEU A 127 26.49 -23.16 1.90
N VAL A 128 26.84 -22.25 1.01
CA VAL A 128 27.93 -22.49 0.08
C VAL A 128 29.21 -22.76 0.83
N PHE A 129 29.47 -21.96 1.87
CA PHE A 129 30.68 -22.11 2.65
C PHE A 129 30.71 -23.40 3.48
N ALA A 130 29.53 -23.87 3.88
CA ALA A 130 29.43 -25.12 4.65
C ALA A 130 29.48 -26.35 3.76
N GLY A 131 29.52 -26.14 2.44
CA GLY A 131 29.52 -27.26 1.51
C GLY A 131 28.20 -28.00 1.46
N ILE A 132 27.11 -27.25 1.52
CA ILE A 132 25.78 -27.83 1.38
C ILE A 132 25.45 -27.78 -0.10
N PRO A 133 25.12 -28.92 -0.69
CA PRO A 133 24.81 -28.97 -2.11
C PRO A 133 23.57 -28.13 -2.49
N LEU A 134 23.75 -27.15 -3.37
CA LEU A 134 22.66 -26.31 -3.82
C LEU A 134 22.32 -26.60 -5.29
N LYS A 135 21.04 -26.42 -5.65
CA LYS A 135 20.62 -26.48 -7.06
C LYS A 135 21.14 -25.26 -7.82
N HIS A 136 21.21 -24.13 -7.13
CA HIS A 136 21.61 -22.86 -7.72
C HIS A 136 21.72 -21.86 -6.58
N LEU A 137 22.36 -20.73 -6.86
CA LEU A 137 22.42 -19.61 -5.91
C LEU A 137 21.05 -18.97 -5.73
N ALA A 138 20.79 -18.45 -4.54
CA ALA A 138 19.63 -17.59 -4.30
C ALA A 138 20.12 -16.15 -4.07
N VAL A 139 19.65 -15.23 -4.91
CA VAL A 139 19.99 -13.82 -4.76
C VAL A 139 18.71 -13.02 -4.57
N ALA A 140 18.53 -12.44 -3.38
CA ALA A 140 17.28 -11.76 -3.05
C ALA A 140 17.46 -10.25 -3.05
N ILE A 141 16.40 -9.52 -3.44
CA ILE A 141 16.45 -8.07 -3.47
C ILE A 141 15.11 -7.46 -3.04
N GLY A 142 15.16 -6.54 -2.09
CA GLY A 142 13.98 -5.80 -1.67
C GLY A 142 13.70 -4.65 -2.62
N CYS A 143 12.57 -4.72 -3.30
CA CYS A 143 12.21 -3.69 -4.28
C CYS A 143 11.09 -2.83 -3.72
N GLY A 144 11.23 -1.52 -3.83
CA GLY A 144 10.20 -0.60 -3.41
C GLY A 144 9.57 0.02 -4.63
N VAL A 145 8.27 0.32 -4.56
CA VAL A 145 7.62 0.98 -5.69
C VAL A 145 7.18 2.39 -5.31
N LEU A 146 7.63 3.36 -6.10
CA LEU A 146 7.35 4.76 -5.84
C LEU A 146 6.00 5.21 -6.40
N GLU A 147 5.51 6.33 -5.87
CA GLU A 147 4.20 6.91 -6.21
C GLU A 147 3.66 6.60 -7.62
N ASP A 148 4.40 6.98 -8.66
CA ASP A 148 3.95 6.74 -10.03
C ASP A 148 4.69 5.57 -10.70
N GLY A 149 5.07 4.57 -9.90
CA GLY A 149 5.59 3.34 -10.44
C GLY A 149 7.11 3.20 -10.48
N GLU A 150 7.81 4.26 -10.10
CA GLU A 150 9.28 4.22 -10.08
C GLU A 150 9.77 3.14 -9.15
N VAL A 151 10.55 2.19 -9.68
CA VAL A 151 11.04 1.10 -8.86
C VAL A 151 12.38 1.43 -8.20
N ILE A 152 12.46 1.10 -6.92
CA ILE A 152 13.64 1.35 -6.11
C ILE A 152 14.20 0.00 -5.64
N LEU A 153 15.52 -0.18 -5.74
CA LEU A 153 16.14 -1.45 -5.35
C LEU A 153 16.85 -1.36 -3.99
N ASP A 154 16.65 -2.39 -3.17
CA ASP A 154 17.30 -2.47 -1.86
C ASP A 154 16.93 -1.28 -0.97
N THR A 155 15.66 -1.23 -0.60
CA THR A 155 15.15 -0.16 0.25
C THR A 155 15.72 -0.25 1.65
N ASN A 156 15.84 0.91 2.30
CA ASN A 156 16.23 0.96 3.69
C ASN A 156 15.01 1.08 4.62
N LYS A 157 15.25 1.37 5.90
CA LYS A 157 14.18 1.48 6.88
C LYS A 157 13.33 2.72 6.60
N ALA A 158 14.00 3.80 6.18
CA ALA A 158 13.32 5.06 5.89
C ALA A 158 12.39 4.96 4.67
N GLU A 159 12.86 4.33 3.61
CA GLU A 159 12.09 4.17 2.38
C GLU A 159 10.96 3.16 2.57
N GLU A 160 11.10 2.31 3.57
CA GLU A 160 10.10 1.28 3.84
C GLU A 160 8.91 1.87 4.61
N GLN A 161 9.15 2.97 5.31
CA GLN A 161 8.12 3.74 6.02
C GLN A 161 7.44 4.75 5.10
N GLN A 162 7.99 4.94 3.91
CA GLN A 162 7.46 5.91 2.97
C GLN A 162 6.58 5.23 1.93
N LEU A 163 7.15 4.27 1.21
CA LEU A 163 6.45 3.67 0.07
C LEU A 163 5.18 2.88 0.44
N LYS A 164 4.38 2.57 -0.58
CA LYS A 164 3.12 1.84 -0.40
C LYS A 164 3.13 0.47 -1.05
N SER A 165 4.14 0.22 -1.89
CA SER A 165 4.26 -1.03 -2.60
C SER A 165 5.68 -1.54 -2.44
N PHE A 166 5.81 -2.86 -2.33
CA PHE A 166 7.12 -3.47 -2.51
C PHE A 166 7.11 -4.99 -2.59
N ALA A 167 8.23 -5.54 -3.05
CA ALA A 167 8.33 -6.95 -3.29
C ALA A 167 9.65 -7.48 -2.76
N HIS A 168 9.63 -8.67 -2.19
CA HIS A 168 10.84 -9.39 -1.90
C HIS A 168 11.05 -10.39 -3.03
N LEU A 169 12.03 -10.14 -3.89
CA LEU A 169 12.31 -11.06 -4.99
C LEU A 169 13.58 -11.87 -4.72
N VAL A 170 13.55 -13.13 -5.11
CA VAL A 170 14.72 -13.96 -5.01
C VAL A 170 14.89 -14.75 -6.30
N PHE A 171 16.03 -14.49 -6.94
CA PHE A 171 16.29 -15.00 -8.26
C PHE A 171 17.26 -16.17 -8.16
N PRO A 172 17.08 -17.19 -9.02
CA PRO A 172 17.96 -18.34 -9.15
C PRO A 172 19.13 -17.93 -10.03
N ASN A 173 20.33 -18.39 -9.70
CA ASN A 173 21.51 -18.04 -10.49
C ASN A 173 22.49 -19.20 -10.62
N LEU A 194 11.54 -17.30 -11.34
CA LEU A 194 12.34 -17.05 -10.15
C LEU A 194 12.12 -18.12 -9.07
N ILE A 195 12.69 -17.90 -7.87
CA ILE A 195 12.53 -18.83 -6.76
C ILE A 195 11.22 -18.51 -6.03
N THR A 196 11.27 -17.53 -5.14
CA THR A 196 10.08 -17.04 -4.43
C THR A 196 9.90 -15.52 -4.65
N SER A 197 8.67 -15.05 -4.56
CA SER A 197 8.41 -13.62 -4.50
C SER A 197 7.24 -13.34 -3.57
N ILE A 198 7.41 -12.36 -2.70
CA ILE A 198 6.34 -11.95 -1.81
C ILE A 198 6.19 -10.43 -1.81
N THR A 199 4.98 -9.97 -2.12
CA THR A 199 4.73 -8.54 -2.22
C THR A 199 3.93 -8.05 -1.02
N HIS A 200 4.12 -6.78 -0.68
CA HIS A 200 3.46 -6.19 0.47
C HIS A 200 2.88 -4.84 0.07
N GLY A 201 1.56 -4.70 0.17
CA GLY A 201 0.90 -3.45 -0.17
C GLY A 201 0.43 -3.49 -1.61
N VAL A 202 -0.13 -2.39 -2.09
CA VAL A 202 -0.72 -2.37 -3.44
C VAL A 202 0.32 -2.74 -4.47
N MET A 203 -0.06 -3.61 -5.39
CA MET A 203 0.86 -4.02 -6.42
C MET A 203 0.08 -4.38 -7.66
N SER A 204 0.03 -3.43 -8.59
CA SER A 204 -0.49 -3.71 -9.92
C SER A 204 0.43 -4.72 -10.59
N GLU A 205 -0.07 -5.38 -11.63
CA GLU A 205 0.72 -6.33 -12.39
C GLU A 205 1.83 -5.63 -13.20
N GLU A 206 1.63 -4.36 -13.52
CA GLU A 206 2.69 -3.58 -14.17
C GLU A 206 3.81 -3.26 -13.19
N ASP A 207 3.43 -2.84 -11.98
CA ASP A 207 4.40 -2.62 -10.90
C ASP A 207 5.25 -3.86 -10.69
N TYR A 208 4.57 -4.99 -10.52
CA TYR A 208 5.21 -6.27 -10.27
C TYR A 208 6.26 -6.63 -11.33
N PHE A 209 5.94 -6.43 -12.61
CA PHE A 209 6.92 -6.75 -13.65
C PHE A 209 8.12 -5.82 -13.64
N SER A 210 7.89 -4.54 -13.38
CA SER A 210 9.00 -3.61 -13.28
C SER A 210 9.97 -4.09 -12.20
N CYS A 211 9.43 -4.53 -11.07
CA CYS A 211 10.23 -5.04 -9.96
C CYS A 211 11.09 -6.24 -10.36
N ILE A 212 10.48 -7.21 -11.03
CA ILE A 212 11.21 -8.39 -11.47
C ILE A 212 12.21 -8.05 -12.57
N GLU A 213 11.78 -7.19 -13.50
CA GLU A 213 12.66 -6.69 -14.55
C GLU A 213 13.88 -5.99 -13.95
N ARG A 214 13.61 -5.09 -13.01
CA ARG A 214 14.66 -4.28 -12.42
C ARG A 214 15.57 -5.15 -11.55
N GLY A 215 14.97 -5.91 -10.64
CA GLY A 215 15.73 -6.76 -9.74
C GLY A 215 16.65 -7.71 -10.48
N LEU A 216 16.12 -8.38 -11.48
CA LEU A 216 16.89 -9.34 -12.27
C LEU A 216 18.21 -8.77 -12.76
N ALA A 217 18.15 -7.68 -13.52
CA ALA A 217 19.34 -7.07 -14.12
C ALA A 217 20.31 -6.49 -13.09
N ALA A 218 19.84 -6.35 -11.86
CA ALA A 218 20.70 -5.89 -10.75
C ALA A 218 21.33 -7.06 -10.00
N SER A 219 20.60 -8.18 -9.95
CA SER A 219 20.99 -9.33 -9.13
C SER A 219 22.37 -9.91 -9.45
N SER A 220 22.76 -9.85 -10.73
CA SER A 220 24.07 -10.34 -11.17
C SER A 220 25.20 -9.72 -10.36
N ARG A 221 24.98 -8.54 -9.81
CA ARG A 221 25.97 -7.90 -8.93
C ARG A 221 26.18 -8.72 -7.66
N ILE A 222 25.07 -9.23 -7.10
CA ILE A 222 25.13 -10.02 -5.89
C ILE A 222 25.74 -11.42 -6.11
N SER A 223 25.36 -12.06 -7.21
CA SER A 223 25.89 -13.39 -7.53
C SER A 223 27.36 -13.35 -8.00
N ASP A 224 27.76 -12.27 -8.67
CA ASP A 224 29.16 -12.08 -9.07
C ASP A 224 30.03 -11.97 -7.81
N PHE A 225 29.45 -11.42 -6.74
CA PHE A 225 30.10 -11.32 -5.43
C PHE A 225 30.24 -12.71 -4.80
N MET A 226 29.13 -13.44 -4.76
CA MET A 226 29.12 -14.84 -4.32
C MET A 226 30.07 -15.72 -5.14
N ARG A 227 30.09 -15.54 -6.45
CA ARG A 227 30.87 -16.42 -7.32
C ARG A 227 32.37 -16.14 -7.35
N THR A 228 32.76 -14.90 -7.06
CA THR A 228 34.17 -14.55 -7.10
C THR A 228 34.72 -14.18 -5.72
N THR A 229 34.48 -12.95 -5.31
CA THR A 229 35.04 -12.44 -4.05
C THR A 229 34.91 -13.43 -2.89
N LEU A 230 33.71 -14.00 -2.71
CA LEU A 230 33.46 -14.87 -1.56
C LEU A 230 34.07 -16.27 -1.68
N GLN A 231 34.99 -16.44 -2.63
CA GLN A 231 35.63 -17.74 -2.83
C GLN A 231 37.05 -17.63 -3.40
N ARG B 5 -18.72 -18.99 5.20
CA ARG B 5 -18.33 -17.68 5.69
C ARG B 5 -19.54 -16.92 6.22
N ALA B 6 -19.43 -15.60 6.29
CA ALA B 6 -20.44 -14.76 6.94
C ALA B 6 -21.82 -14.90 6.29
N ASP B 7 -21.89 -15.62 5.19
CA ASP B 7 -23.14 -15.82 4.48
C ASP B 7 -23.30 -17.30 4.11
N GLY B 8 -22.48 -18.14 4.72
CA GLY B 8 -22.55 -19.57 4.49
C GLY B 8 -22.12 -20.01 3.11
N ARG B 9 -21.37 -19.15 2.41
CA ARG B 9 -20.80 -19.51 1.12
C ARG B 9 -19.63 -20.46 1.31
N ASN B 10 -19.35 -21.28 0.30
CA ASN B 10 -18.14 -22.08 0.27
C ASN B 10 -16.99 -21.20 -0.21
N PRO B 11 -15.75 -21.66 0.00
CA PRO B 11 -14.56 -20.90 -0.41
C PRO B 11 -14.65 -20.29 -1.81
N ASN B 12 -14.94 -21.09 -2.82
CA ASN B 12 -14.84 -20.60 -4.19
C ASN B 12 -16.17 -20.35 -4.91
N GLN B 13 -17.19 -19.95 -4.16
CA GLN B 13 -18.44 -19.56 -4.78
C GLN B 13 -18.73 -18.07 -4.63
N LEU B 14 -19.10 -17.45 -5.74
CA LEU B 14 -19.42 -16.03 -5.81
C LEU B 14 -20.81 -15.79 -5.24
N ARG B 15 -21.10 -14.56 -4.85
CA ARG B 15 -22.44 -14.21 -4.44
C ARG B 15 -23.33 -14.23 -5.67
N PRO B 16 -24.63 -14.43 -5.47
CA PRO B 16 -25.50 -14.41 -6.65
C PRO B 16 -25.40 -13.07 -7.35
N PHE B 17 -25.24 -13.05 -8.68
CA PHE B 17 -25.08 -11.78 -9.38
C PHE B 17 -26.23 -11.47 -10.34
N SER B 18 -26.34 -10.19 -10.64
CA SER B 18 -27.58 -9.62 -11.13
C SER B 18 -27.26 -8.50 -12.11
N CYS B 19 -28.03 -8.40 -13.20
CA CYS B 19 -27.82 -7.33 -14.16
C CYS B 19 -29.12 -6.84 -14.81
N THR B 20 -29.40 -5.55 -14.64
CA THR B 20 -30.44 -4.88 -15.42
C THR B 20 -29.78 -4.38 -16.71
N ARG B 21 -30.25 -4.87 -17.85
CA ARG B 21 -29.70 -4.45 -19.14
C ARG B 21 -30.32 -3.13 -19.64
N ASN B 22 -29.45 -2.17 -19.92
CA ASN B 22 -29.85 -0.87 -20.49
C ASN B 22 -30.85 -0.03 -19.70
N PRO B 23 -30.62 0.11 -18.40
CA PRO B 23 -31.55 0.89 -17.57
C PRO B 23 -31.59 2.37 -17.94
N LEU B 24 -30.53 2.88 -18.58
CA LEU B 24 -30.47 4.30 -18.95
C LEU B 24 -31.06 4.57 -20.32
N ASP B 25 -31.81 5.67 -20.42
CA ASP B 25 -32.54 6.00 -21.63
C ASP B 25 -31.65 6.66 -22.69
N ARG B 26 -30.62 7.37 -22.25
CA ARG B 26 -29.77 8.13 -23.15
C ARG B 26 -28.39 7.52 -23.39
N ALA B 27 -28.13 6.35 -22.79
CA ALA B 27 -26.84 5.69 -22.97
C ALA B 27 -26.93 4.61 -24.05
N HIS B 28 -25.90 4.53 -24.91
CA HIS B 28 -25.89 3.53 -25.97
C HIS B 28 -26.00 2.15 -25.37
N GLY B 29 -25.44 1.98 -24.18
CA GLY B 29 -25.58 0.77 -23.43
C GLY B 29 -25.34 1.06 -21.97
N SER B 30 -25.91 0.25 -21.10
CA SER B 30 -25.67 0.41 -19.68
C SER B 30 -26.10 -0.84 -18.92
N ALA B 31 -25.58 -0.97 -17.70
CA ALA B 31 -25.83 -2.16 -16.90
C ALA B 31 -25.80 -1.83 -15.43
N ARG B 32 -26.90 -2.11 -14.75
CA ARG B 32 -26.87 -2.08 -13.30
C ARG B 32 -26.51 -3.49 -12.86
N TRP B 33 -25.24 -3.66 -12.45
CA TRP B 33 -24.66 -4.97 -12.12
C TRP B 33 -24.43 -5.11 -10.61
N ALA B 34 -24.97 -6.19 -10.03
CA ALA B 34 -24.88 -6.43 -8.60
C ALA B 34 -24.27 -7.79 -8.25
N GLN B 35 -23.37 -7.79 -7.27
CA GLN B 35 -22.85 -9.03 -6.69
C GLN B 35 -23.12 -8.98 -5.19
N GLY B 36 -24.27 -9.51 -4.78
CA GLY B 36 -24.74 -9.27 -3.44
C GLY B 36 -25.08 -7.80 -3.24
N ASP B 37 -24.53 -7.22 -2.18
CA ASP B 37 -24.87 -5.86 -1.80
C ASP B 37 -23.87 -4.85 -2.35
N THR B 38 -22.96 -5.32 -3.19
CA THR B 38 -22.12 -4.45 -4.01
C THR B 38 -22.84 -4.23 -5.33
N ILE B 39 -23.24 -2.98 -5.60
CA ILE B 39 -24.03 -2.67 -6.78
C ILE B 39 -23.39 -1.47 -7.48
N VAL B 40 -23.39 -1.52 -8.81
CA VAL B 40 -22.69 -0.52 -9.60
C VAL B 40 -23.53 -0.25 -10.85
N LEU B 41 -23.53 0.98 -11.34
CA LEU B 41 -24.21 1.28 -12.60
C LEU B 41 -23.20 1.75 -13.62
N ALA B 42 -23.04 0.98 -14.69
CA ALA B 42 -22.13 1.36 -15.78
C ALA B 42 -22.90 1.90 -16.98
N ALA B 43 -22.43 3.03 -17.51
CA ALA B 43 -23.09 3.64 -18.67
C ALA B 43 -22.10 3.90 -19.80
N VAL B 44 -22.46 3.46 -21.00
CA VAL B 44 -21.59 3.61 -22.16
C VAL B 44 -22.23 4.55 -23.15
N TYR B 45 -21.52 5.64 -23.44
CA TYR B 45 -21.97 6.58 -24.45
C TYR B 45 -21.16 6.39 -25.71
N GLY B 46 -21.81 5.71 -26.66
CA GLY B 46 -21.21 5.09 -27.83
C GLY B 46 -20.11 5.79 -28.55
N PRO B 47 -19.53 5.12 -29.57
CA PRO B 47 -18.36 5.68 -30.25
C PRO B 47 -18.71 6.98 -30.96
N LYS B 48 -18.53 8.12 -30.29
CA LYS B 48 -18.81 9.41 -30.91
C LYS B 48 -17.68 9.81 -31.84
N PRO B 49 -18.04 10.36 -33.02
CA PRO B 49 -17.01 10.75 -33.98
C PRO B 49 -16.08 11.81 -33.39
N GLY B 50 -14.78 11.60 -33.51
CA GLY B 50 -13.80 12.56 -33.04
C GLY B 50 -12.89 12.02 -31.93
N THR B 51 -11.72 12.62 -31.81
CA THR B 51 -10.79 12.26 -30.75
C THR B 51 -10.61 13.44 -29.80
N ARG B 52 -9.92 13.22 -28.68
CA ARG B 52 -9.75 14.28 -27.69
C ARG B 52 -8.43 15.03 -27.84
N LYS B 53 -8.39 16.23 -27.28
CA LYS B 53 -7.18 17.03 -27.32
C LYS B 53 -6.05 16.26 -26.65
N GLY B 54 -5.10 15.80 -27.45
CA GLY B 54 -3.94 15.10 -26.95
C GLY B 54 -3.84 13.65 -27.38
N GLU B 55 -4.91 13.13 -27.97
CA GLU B 55 -5.00 11.70 -28.29
C GLU B 55 -4.79 11.38 -29.78
N ASN B 56 -4.45 10.11 -30.05
CA ASN B 56 -4.26 9.58 -31.40
C ASN B 56 -5.58 9.33 -32.13
N PRO B 57 -5.80 10.00 -33.27
CA PRO B 57 -6.98 9.80 -34.11
C PRO B 57 -6.90 8.56 -35.01
N GLU B 58 -5.82 7.79 -34.88
CA GLU B 58 -5.61 6.60 -35.70
C GLU B 58 -6.28 5.37 -35.10
N LYS B 59 -6.86 5.53 -33.92
CA LYS B 59 -7.55 4.45 -33.22
C LYS B 59 -8.78 4.99 -32.50
N ALA B 60 -9.56 4.10 -31.88
CA ALA B 60 -10.68 4.54 -31.05
C ALA B 60 -10.19 4.89 -29.64
N SER B 61 -10.84 5.86 -29.01
CA SER B 61 -10.49 6.25 -27.65
C SER B 61 -11.58 5.80 -26.68
N ILE B 62 -11.14 5.36 -25.50
CA ILE B 62 -12.04 5.04 -24.40
C ILE B 62 -11.76 6.00 -23.25
N GLU B 63 -12.81 6.63 -22.74
CA GLU B 63 -12.70 7.44 -21.53
C GLU B 63 -13.43 6.73 -20.40
N VAL B 64 -13.00 7.00 -19.17
CA VAL B 64 -13.67 6.46 -18.01
C VAL B 64 -13.72 7.51 -16.91
N VAL B 65 -14.89 7.69 -16.29
CA VAL B 65 -14.98 8.43 -15.05
C VAL B 65 -15.69 7.58 -14.01
N TRP B 66 -15.15 7.58 -12.81
CA TRP B 66 -15.67 6.81 -11.69
C TRP B 66 -16.40 7.76 -10.77
N LYS B 67 -17.71 7.54 -10.58
CA LYS B 67 -18.49 8.34 -9.64
C LYS B 67 -18.76 7.55 -8.36
N PRO B 68 -18.22 8.01 -7.23
CA PRO B 68 -18.43 7.38 -5.92
C PRO B 68 -19.89 7.54 -5.49
N MET B 69 -20.28 6.81 -4.45
CA MET B 69 -21.65 6.91 -3.96
C MET B 69 -22.00 8.36 -3.61
N THR B 70 -21.18 8.98 -2.79
CA THR B 70 -21.39 10.40 -2.46
C THR B 70 -20.10 11.22 -2.48
N GLY B 71 -20.26 12.51 -2.77
CA GLY B 71 -19.16 13.46 -2.70
C GLY B 71 -18.23 13.50 -3.89
N GLN B 72 -16.96 13.79 -3.60
CA GLN B 72 -15.89 13.83 -4.58
C GLN B 72 -15.14 12.51 -4.51
N ILE B 73 -14.52 12.10 -5.59
CA ILE B 73 -13.90 10.76 -5.62
C ILE B 73 -12.70 10.63 -4.67
N GLY B 74 -12.50 9.42 -4.17
CA GLY B 74 -11.39 9.13 -3.28
C GLY B 74 -10.11 8.84 -4.03
N LYS B 75 -9.06 8.46 -3.30
CA LYS B 75 -7.79 8.11 -3.91
C LYS B 75 -7.67 6.61 -4.06
N GLN B 76 -8.54 5.86 -3.38
CA GLN B 76 -8.65 4.43 -3.64
C GLN B 76 -9.54 4.21 -4.87
N GLU B 77 -10.62 4.97 -4.97
CA GLU B 77 -11.53 4.87 -6.11
C GLU B 77 -10.97 5.54 -7.37
N LYS B 78 -10.07 6.50 -7.19
CA LYS B 78 -9.35 7.10 -8.31
C LYS B 78 -8.29 6.11 -8.82
N GLU B 79 -7.79 5.25 -7.93
CA GLU B 79 -6.92 4.15 -8.33
C GLU B 79 -7.74 3.15 -9.14
N TYR B 80 -8.89 2.74 -8.59
CA TYR B 80 -9.83 1.84 -9.27
C TYR B 80 -10.14 2.34 -10.68
N GLU B 81 -10.28 3.67 -10.81
CA GLU B 81 -10.69 4.31 -12.06
C GLU B 81 -9.61 4.17 -13.13
N MET B 82 -8.34 4.29 -12.75
CA MET B 82 -7.26 4.15 -13.72
C MET B 82 -6.95 2.69 -14.01
N THR B 83 -7.31 1.82 -13.08
CA THR B 83 -7.24 0.39 -13.32
C THR B 83 -8.36 0.01 -14.28
N LEU B 84 -9.49 0.70 -14.13
CA LEU B 84 -10.63 0.44 -14.99
C LEU B 84 -10.42 0.94 -16.41
N LYS B 85 -9.86 2.14 -16.58
CA LYS B 85 -9.53 2.66 -17.91
C LYS B 85 -8.67 1.67 -18.68
N ARG B 86 -7.52 1.35 -18.11
CA ARG B 86 -6.58 0.46 -18.76
C ARG B 86 -7.25 -0.84 -19.14
N THR B 87 -7.89 -1.47 -18.17
CA THR B 87 -8.58 -2.73 -18.37
C THR B 87 -9.57 -2.66 -19.54
N LEU B 88 -10.35 -1.59 -19.60
CA LEU B 88 -11.35 -1.42 -20.65
C LEU B 88 -10.69 -1.04 -21.97
N GLN B 89 -9.56 -0.35 -21.90
CA GLN B 89 -8.80 -0.03 -23.10
C GLN B 89 -8.15 -1.29 -23.66
N SER B 90 -7.84 -2.24 -22.78
CA SER B 90 -7.19 -3.48 -23.17
C SER B 90 -8.17 -4.45 -23.81
N ILE B 91 -9.42 -4.42 -23.36
CA ILE B 91 -10.39 -5.38 -23.88
C ILE B 91 -11.09 -4.86 -25.14
N CYS B 92 -10.96 -3.57 -25.40
CA CYS B 92 -11.60 -2.99 -26.58
C CYS B 92 -10.71 -3.11 -27.81
N LEU B 93 -11.33 -3.48 -28.92
CA LEU B 93 -10.67 -3.53 -30.23
C LEU B 93 -10.68 -2.11 -30.83
N LEU B 94 -9.54 -1.42 -30.74
CA LEU B 94 -9.50 0.02 -31.00
C LEU B 94 -9.20 0.41 -32.46
N THR B 95 -9.21 -0.58 -33.34
CA THR B 95 -8.93 -0.36 -34.76
C THR B 95 -10.19 -0.22 -35.62
N VAL B 96 -11.33 -0.59 -35.05
CA VAL B 96 -12.56 -0.70 -35.83
C VAL B 96 -13.20 0.66 -36.11
N HIS B 97 -13.11 1.56 -35.13
CA HIS B 97 -13.72 2.88 -35.25
C HIS B 97 -12.74 3.99 -34.86
N PRO B 98 -11.74 4.24 -35.72
CA PRO B 98 -10.72 5.27 -35.51
C PRO B 98 -11.33 6.66 -35.38
N ASN B 99 -10.63 7.58 -34.72
CA ASN B 99 -11.14 8.94 -34.55
C ASN B 99 -12.55 8.88 -33.98
N THR B 100 -12.64 8.28 -32.80
CA THR B 100 -13.91 7.96 -32.17
C THR B 100 -13.69 7.95 -30.68
N THR B 101 -14.61 8.55 -29.92
CA THR B 101 -14.49 8.58 -28.46
C THR B 101 -15.68 7.87 -27.81
N THR B 102 -15.39 6.83 -27.04
CA THR B 102 -16.41 6.12 -26.29
C THR B 102 -16.20 6.42 -24.81
N SER B 103 -17.24 6.89 -24.14
CA SER B 103 -17.16 7.30 -22.75
C SER B 103 -17.84 6.27 -21.86
N VAL B 104 -17.16 5.87 -20.79
CA VAL B 104 -17.75 4.95 -19.82
C VAL B 104 -17.81 5.60 -18.45
N ILE B 105 -19.00 5.60 -17.86
CA ILE B 105 -19.22 6.21 -16.56
C ILE B 105 -19.63 5.14 -15.58
N LEU B 106 -18.82 4.93 -14.55
CA LEU B 106 -19.12 3.96 -13.51
C LEU B 106 -19.60 4.66 -12.25
N GLN B 107 -20.90 4.58 -11.99
CA GLN B 107 -21.46 5.11 -10.76
C GLN B 107 -21.59 4.00 -9.74
N VAL B 108 -20.93 4.18 -8.59
CA VAL B 108 -21.05 3.25 -7.48
C VAL B 108 -22.39 3.46 -6.78
N VAL B 109 -23.18 2.39 -6.71
CA VAL B 109 -24.48 2.44 -6.05
C VAL B 109 -24.42 1.82 -4.65
N GLY B 110 -23.63 0.75 -4.52
CA GLY B 110 -23.43 0.10 -3.24
C GLY B 110 -22.12 -0.66 -3.17
N ASN B 111 -21.47 -0.63 -2.01
CA ASN B 111 -20.18 -1.26 -1.85
C ASN B 111 -20.16 -2.18 -0.66
N ASP B 112 -20.23 -3.48 -0.91
CA ASP B 112 -20.03 -4.49 0.11
C ASP B 112 -18.96 -5.46 -0.36
N GLY B 113 -17.81 -4.93 -0.77
CA GLY B 113 -16.68 -5.76 -1.13
C GLY B 113 -16.57 -6.04 -2.60
N SER B 114 -15.33 -6.24 -3.06
CA SER B 114 -15.02 -6.51 -4.46
C SER B 114 -15.54 -5.43 -5.40
N LEU B 115 -15.46 -4.18 -4.97
CA LEU B 115 -16.06 -3.09 -5.76
C LEU B 115 -15.50 -3.01 -7.17
N LEU B 116 -14.18 -3.12 -7.28
CA LEU B 116 -13.49 -2.91 -8.54
C LEU B 116 -13.85 -3.97 -9.59
N PRO B 117 -13.73 -5.26 -9.22
CA PRO B 117 -14.19 -6.37 -10.07
C PRO B 117 -15.64 -6.16 -10.53
N CYS B 118 -16.53 -5.89 -9.59
CA CYS B 118 -17.93 -5.57 -9.88
C CYS B 118 -18.08 -4.51 -10.98
N ALA B 119 -17.27 -3.46 -10.90
CA ALA B 119 -17.28 -2.40 -11.92
C ALA B 119 -16.79 -2.86 -13.29
N ILE B 120 -15.66 -3.55 -13.32
CA ILE B 120 -15.14 -4.12 -14.57
C ILE B 120 -16.18 -5.04 -15.21
N ASN B 121 -16.78 -5.91 -14.40
CA ASN B 121 -17.84 -6.79 -14.89
C ASN B 121 -19.02 -6.00 -15.47
N ALA B 122 -19.47 -5.01 -14.71
CA ALA B 122 -20.57 -4.15 -15.13
C ALA B 122 -20.22 -3.42 -16.41
N CYS B 123 -19.00 -2.89 -16.47
CA CYS B 123 -18.57 -2.09 -17.60
C CYS B 123 -18.41 -2.91 -18.86
N CYS B 124 -17.97 -4.15 -18.69
CA CYS B 124 -17.84 -5.06 -19.81
C CYS B 124 -19.23 -5.34 -20.37
N ALA B 125 -20.14 -5.75 -19.50
CA ALA B 125 -21.52 -5.99 -19.92
C ALA B 125 -22.13 -4.81 -20.69
N ALA B 126 -21.88 -3.58 -20.24
CA ALA B 126 -22.41 -2.39 -20.91
C ALA B 126 -21.73 -2.11 -22.26
N LEU B 127 -20.46 -2.48 -22.38
CA LEU B 127 -19.74 -2.29 -23.64
C LEU B 127 -20.33 -3.23 -24.68
N VAL B 128 -20.75 -4.40 -24.23
CA VAL B 128 -21.43 -5.35 -25.10
C VAL B 128 -22.83 -4.84 -25.49
N PHE B 129 -23.64 -4.46 -24.50
CA PHE B 129 -24.96 -3.88 -24.76
C PHE B 129 -24.89 -2.71 -25.72
N ALA B 130 -23.81 -1.94 -25.65
CA ALA B 130 -23.65 -0.70 -26.41
C ALA B 130 -23.22 -0.90 -27.88
N GLY B 131 -22.55 -2.01 -28.16
CA GLY B 131 -22.05 -2.26 -29.51
C GLY B 131 -20.62 -1.77 -29.69
N ILE B 132 -19.80 -1.98 -28.67
CA ILE B 132 -18.40 -1.58 -28.72
C ILE B 132 -17.54 -2.82 -28.94
N PRO B 133 -16.82 -2.88 -30.07
CA PRO B 133 -16.11 -4.11 -30.44
C PRO B 133 -15.09 -4.51 -29.38
N LEU B 134 -15.11 -5.77 -28.97
CA LEU B 134 -14.24 -6.26 -27.91
C LEU B 134 -13.34 -7.39 -28.41
N LYS B 135 -12.06 -7.36 -28.02
CA LYS B 135 -11.17 -8.48 -28.28
C LYS B 135 -11.74 -9.73 -27.62
N HIS B 136 -12.24 -9.54 -26.40
CA HIS B 136 -12.79 -10.60 -25.59
C HIS B 136 -13.45 -9.96 -24.39
N LEU B 137 -14.28 -10.73 -23.69
CA LEU B 137 -14.89 -10.28 -22.45
C LEU B 137 -13.85 -10.18 -21.34
N ALA B 138 -14.05 -9.24 -20.43
CA ALA B 138 -13.27 -9.23 -19.20
C ALA B 138 -14.16 -9.80 -18.11
N VAL B 139 -13.61 -10.76 -17.37
CA VAL B 139 -14.32 -11.33 -16.24
C VAL B 139 -13.42 -11.12 -15.03
N ALA B 140 -13.94 -10.55 -13.97
CA ALA B 140 -13.12 -10.24 -12.80
C ALA B 140 -13.68 -10.83 -11.52
N ILE B 141 -12.76 -11.28 -10.66
CA ILE B 141 -13.12 -11.78 -9.33
C ILE B 141 -12.17 -11.14 -8.32
N GLY B 142 -12.73 -10.69 -7.20
CA GLY B 142 -11.94 -10.23 -6.07
C GLY B 142 -11.66 -11.41 -5.17
N CYS B 143 -10.40 -11.86 -5.16
CA CYS B 143 -10.01 -13.05 -4.40
C CYS B 143 -9.40 -12.69 -3.05
N GLY B 144 -9.46 -13.64 -2.12
CA GLY B 144 -8.87 -13.49 -0.80
C GLY B 144 -8.16 -14.77 -0.42
N VAL B 145 -7.23 -14.67 0.51
CA VAL B 145 -6.48 -15.85 0.94
C VAL B 145 -6.53 -16.04 2.45
N LEU B 146 -6.82 -17.28 2.85
CA LEU B 146 -6.85 -17.63 4.27
C LEU B 146 -5.47 -17.94 4.83
N GLU B 147 -5.42 -18.21 6.12
CA GLU B 147 -4.18 -18.57 6.83
C GLU B 147 -3.51 -19.81 6.23
N ASP B 148 -4.32 -20.84 6.02
CA ASP B 148 -3.90 -22.11 5.43
C ASP B 148 -3.26 -21.89 4.06
N GLY B 149 -3.71 -20.84 3.38
CA GLY B 149 -3.33 -20.60 2.00
C GLY B 149 -4.53 -20.82 1.11
N GLU B 150 -5.68 -21.08 1.73
CA GLU B 150 -6.92 -21.34 1.01
C GLU B 150 -7.58 -20.05 0.50
N VAL B 151 -8.04 -20.10 -0.75
CA VAL B 151 -8.60 -18.92 -1.41
C VAL B 151 -10.10 -18.78 -1.19
N ILE B 152 -10.54 -17.53 -1.12
CA ILE B 152 -11.92 -17.15 -0.89
C ILE B 152 -12.32 -16.20 -2.02
N LEU B 153 -13.31 -16.59 -2.82
CA LEU B 153 -13.66 -15.84 -4.04
C LEU B 153 -14.78 -14.83 -3.85
N ASP B 154 -14.68 -13.72 -4.57
CA ASP B 154 -15.62 -12.61 -4.46
C ASP B 154 -15.82 -12.24 -3.00
N THR B 155 -14.81 -11.57 -2.43
CA THR B 155 -14.83 -11.18 -1.04
C THR B 155 -15.82 -10.07 -0.76
N ASN B 156 -16.57 -10.23 0.32
CA ASN B 156 -17.42 -9.16 0.82
C ASN B 156 -16.59 -8.18 1.65
N LYS B 157 -17.22 -7.16 2.20
CA LYS B 157 -16.51 -6.10 2.92
C LYS B 157 -15.85 -6.59 4.21
N ALA B 158 -16.56 -7.45 4.94
CA ALA B 158 -16.04 -8.01 6.18
C ALA B 158 -14.69 -8.68 5.92
N GLU B 159 -14.69 -9.58 4.95
CA GLU B 159 -13.50 -10.32 4.54
C GLU B 159 -12.33 -9.42 4.12
N GLU B 160 -12.63 -8.30 3.48
CA GLU B 160 -11.60 -7.38 3.00
C GLU B 160 -11.00 -6.55 4.12
N GLN B 161 -11.59 -6.66 5.31
CA GLN B 161 -11.09 -5.95 6.47
C GLN B 161 -10.10 -6.79 7.27
N GLN B 162 -10.38 -8.07 7.40
CA GLN B 162 -9.65 -8.91 8.34
C GLN B 162 -8.89 -10.09 7.73
N LEU B 163 -8.66 -10.08 6.42
CA LEU B 163 -7.89 -11.16 5.78
C LEU B 163 -6.45 -10.71 5.45
N LYS B 164 -5.54 -11.68 5.30
CA LYS B 164 -4.11 -11.39 5.11
C LYS B 164 -3.82 -10.67 3.79
N SER B 165 -4.37 -11.20 2.71
CA SER B 165 -4.08 -10.68 1.39
C SER B 165 -5.28 -10.85 0.46
N PHE B 166 -5.31 -9.98 -0.54
CA PHE B 166 -6.41 -9.95 -1.49
C PHE B 166 -5.86 -9.79 -2.91
N ALA B 167 -6.62 -10.22 -3.91
CA ALA B 167 -6.15 -10.11 -5.29
C ALA B 167 -7.31 -9.87 -6.25
N HIS B 168 -7.39 -8.66 -6.80
CA HIS B 168 -8.32 -8.43 -7.90
C HIS B 168 -7.71 -8.92 -9.20
N LEU B 169 -8.27 -9.98 -9.77
CA LEU B 169 -7.75 -10.54 -11.02
C LEU B 169 -8.78 -10.38 -12.11
N VAL B 170 -8.34 -9.86 -13.26
CA VAL B 170 -9.23 -9.80 -14.41
C VAL B 170 -8.78 -10.82 -15.42
N PHE B 171 -9.70 -11.71 -15.77
CA PHE B 171 -9.41 -12.76 -16.72
C PHE B 171 -10.06 -12.38 -18.02
N PRO B 172 -9.41 -12.74 -19.14
CA PRO B 172 -10.04 -12.60 -20.44
C PRO B 172 -10.96 -13.79 -20.66
N ASN B 173 -12.18 -13.57 -21.10
CA ASN B 173 -12.98 -14.69 -21.60
C ASN B 173 -12.77 -14.69 -23.10
N SER B 174 -11.54 -14.97 -23.47
CA SER B 174 -11.00 -14.61 -24.77
C SER B 174 -11.69 -15.38 -25.87
N ARG B 175 -12.54 -16.31 -25.46
CA ARG B 175 -12.93 -17.38 -26.34
C ARG B 175 -14.33 -17.30 -26.90
N LYS B 176 -14.60 -18.27 -27.76
CA LYS B 176 -15.94 -18.68 -28.18
C LYS B 176 -17.05 -17.81 -27.61
N ARG B 192 -5.90 -15.75 -24.01
CA ARG B 192 -4.80 -14.87 -23.61
C ARG B 192 -4.08 -15.41 -22.37
N GLY B 193 -4.69 -15.22 -21.19
CA GLY B 193 -4.15 -15.71 -19.94
C GLY B 193 -4.67 -14.96 -18.73
N LEU B 194 -4.29 -13.69 -18.63
CA LEU B 194 -4.70 -12.87 -17.49
C LEU B 194 -4.60 -11.39 -17.86
N ILE B 195 -5.73 -10.72 -18.00
CA ILE B 195 -5.73 -9.32 -18.40
C ILE B 195 -4.84 -8.52 -17.44
N THR B 196 -5.10 -8.66 -16.14
CA THR B 196 -4.26 -7.99 -15.14
C THR B 196 -4.60 -8.49 -13.75
N SER B 197 -3.88 -7.96 -12.77
CA SER B 197 -4.08 -8.29 -11.38
C SER B 197 -3.64 -7.09 -10.57
N ILE B 198 -4.25 -6.90 -9.42
CA ILE B 198 -3.71 -5.97 -8.45
C ILE B 198 -3.88 -6.60 -7.07
N THR B 199 -2.74 -6.88 -6.42
CA THR B 199 -2.75 -7.53 -5.12
C THR B 199 -2.69 -6.52 -3.99
N HIS B 200 -3.36 -6.85 -2.89
CA HIS B 200 -3.39 -6.02 -1.70
C HIS B 200 -2.94 -6.85 -0.51
N GLY B 201 -2.32 -6.20 0.45
CA GLY B 201 -1.83 -6.90 1.63
C GLY B 201 -0.56 -7.65 1.32
N VAL B 202 -0.34 -8.78 2.01
CA VAL B 202 0.86 -9.59 1.80
C VAL B 202 0.55 -10.80 0.92
N MET B 203 1.21 -10.88 -0.23
CA MET B 203 0.87 -11.91 -1.21
C MET B 203 2.10 -12.64 -1.71
N SER B 204 2.28 -13.89 -1.28
CA SER B 204 3.39 -14.67 -1.79
C SER B 204 3.04 -15.17 -3.19
N GLU B 205 4.02 -15.74 -3.89
CA GLU B 205 3.78 -16.21 -5.24
C GLU B 205 2.85 -17.43 -5.21
N GLU B 206 3.02 -18.27 -4.19
CA GLU B 206 2.23 -19.48 -4.02
C GLU B 206 0.74 -19.19 -3.88
N ASP B 207 0.40 -18.20 -3.05
CA ASP B 207 -0.99 -17.78 -2.86
C ASP B 207 -1.49 -17.06 -4.11
N TYR B 208 -0.62 -16.28 -4.74
CA TYR B 208 -0.98 -15.61 -5.98
C TYR B 208 -1.47 -16.62 -7.00
N PHE B 209 -0.63 -17.62 -7.28
CA PHE B 209 -0.97 -18.66 -8.26
C PHE B 209 -2.23 -19.46 -7.89
N SER B 210 -2.49 -19.59 -6.60
CA SER B 210 -3.71 -20.27 -6.14
C SER B 210 -4.94 -19.45 -6.46
N CYS B 211 -4.85 -18.13 -6.24
CA CYS B 211 -5.95 -17.23 -6.52
C CYS B 211 -6.27 -17.28 -8.01
N ILE B 212 -5.23 -17.44 -8.81
CA ILE B 212 -5.37 -17.48 -10.27
C ILE B 212 -6.05 -18.77 -10.75
N GLU B 213 -5.70 -19.90 -10.14
CA GLU B 213 -6.31 -21.18 -10.49
C GLU B 213 -7.79 -21.18 -10.10
N ARG B 214 -8.08 -20.84 -8.85
CA ARG B 214 -9.44 -20.87 -8.35
C ARG B 214 -10.31 -19.74 -8.93
N GLY B 215 -9.68 -18.63 -9.26
CA GLY B 215 -10.40 -17.54 -9.91
C GLY B 215 -10.67 -17.89 -11.36
N LEU B 216 -9.71 -18.51 -12.03
CA LEU B 216 -9.87 -18.85 -13.43
C LEU B 216 -10.99 -19.87 -13.61
N ALA B 217 -11.05 -20.84 -12.70
CA ALA B 217 -12.07 -21.89 -12.75
C ALA B 217 -13.48 -21.33 -12.60
N ALA B 218 -13.69 -20.53 -11.56
CA ALA B 218 -14.98 -19.88 -11.32
C ALA B 218 -15.37 -18.84 -12.38
N SER B 219 -14.38 -18.21 -13.00
CA SER B 219 -14.61 -17.10 -13.93
C SER B 219 -15.60 -17.46 -15.04
N SER B 220 -15.59 -18.73 -15.42
CA SER B 220 -16.52 -19.27 -16.40
C SER B 220 -18.00 -18.98 -16.03
N ARG B 221 -18.31 -19.01 -14.73
CA ARG B 221 -19.67 -18.73 -14.24
C ARG B 221 -20.16 -17.36 -14.70
N ILE B 222 -19.27 -16.38 -14.69
CA ILE B 222 -19.62 -15.02 -15.06
C ILE B 222 -19.68 -14.84 -16.58
N SER B 223 -18.80 -15.55 -17.29
CA SER B 223 -18.77 -15.51 -18.75
C SER B 223 -20.03 -16.11 -19.35
N ASP B 224 -20.37 -17.31 -18.90
CA ASP B 224 -21.63 -17.94 -19.28
C ASP B 224 -22.82 -16.99 -19.10
N PHE B 225 -22.98 -16.43 -17.90
CA PHE B 225 -24.00 -15.43 -17.63
C PHE B 225 -24.02 -14.31 -18.67
N MET B 226 -22.83 -13.76 -18.96
CA MET B 226 -22.70 -12.70 -19.96
C MET B 226 -23.12 -13.19 -21.36
N ARG B 227 -22.74 -14.40 -21.70
CA ARG B 227 -22.96 -14.94 -23.05
C ARG B 227 -24.30 -15.68 -23.19
N THR B 228 -25.14 -15.62 -22.16
CA THR B 228 -26.39 -16.36 -22.16
C THR B 228 -27.58 -15.48 -21.80
N THR B 229 -27.79 -15.30 -20.50
CA THR B 229 -28.93 -14.55 -19.97
C THR B 229 -28.91 -13.11 -20.44
N LEU B 230 -27.70 -12.53 -20.48
CA LEU B 230 -27.53 -11.14 -20.91
C LEU B 230 -27.72 -10.96 -22.42
N GLN B 231 -27.23 -11.92 -23.21
CA GLN B 231 -27.43 -11.91 -24.65
C GLN B 231 -28.92 -12.14 -24.97
N LYS B 232 -29.74 -12.17 -23.91
CA LYS B 232 -31.21 -12.16 -24.02
C LYS B 232 -31.86 -13.52 -23.73
N ARG C 5 4.74 3.16 24.49
CA ARG C 5 5.14 3.06 25.89
C ARG C 5 6.66 3.20 26.13
N ALA C 6 7.23 4.30 25.64
CA ALA C 6 8.63 4.60 25.88
C ALA C 6 8.76 5.65 26.98
N ASP C 7 7.73 6.48 27.10
CA ASP C 7 7.66 7.53 28.13
C ASP C 7 6.56 7.23 29.14
N GLY C 8 6.15 5.96 29.20
CA GLY C 8 5.17 5.53 30.17
C GLY C 8 3.74 5.61 29.68
N ARG C 9 3.54 6.29 28.55
CA ARG C 9 2.21 6.39 27.97
C ARG C 9 1.79 5.02 27.46
N ASN C 10 0.48 4.78 27.41
CA ASN C 10 -0.05 3.69 26.60
C ASN C 10 -0.22 4.13 25.15
N PRO C 11 -0.54 3.18 24.26
CA PRO C 11 -0.65 3.46 22.82
C PRO C 11 -1.68 4.52 22.49
N ASN C 12 -2.74 4.59 23.29
CA ASN C 12 -3.84 5.49 23.00
C ASN C 12 -3.74 6.87 23.64
N GLN C 13 -2.69 7.09 24.44
CA GLN C 13 -2.57 8.33 25.20
C GLN C 13 -1.72 9.42 24.55
N LEU C 14 -2.29 10.60 24.39
CA LEU C 14 -1.60 11.72 23.73
C LEU C 14 -0.61 12.34 24.69
N ARG C 15 0.41 12.98 24.15
CA ARG C 15 1.30 13.79 24.96
C ARG C 15 0.49 14.96 25.49
N PRO C 16 0.85 15.47 26.68
CA PRO C 16 0.11 16.63 27.15
C PRO C 16 0.29 17.78 26.16
N PHE C 17 -0.82 18.36 25.72
CA PHE C 17 -0.76 19.49 24.79
C PHE C 17 -1.05 20.79 25.52
N SER C 18 -0.67 21.90 24.90
CA SER C 18 -0.78 23.19 25.56
C SER C 18 -0.88 24.30 24.54
N CYS C 19 -1.25 25.49 24.98
CA CYS C 19 -1.42 26.62 24.08
C CYS C 19 -1.38 27.99 24.78
N THR C 20 -0.57 28.89 24.23
CA THR C 20 -0.64 30.29 24.61
C THR C 20 -1.56 30.96 23.59
N ARG C 21 -2.61 31.61 24.11
CA ARG C 21 -3.60 32.27 23.25
C ARG C 21 -3.06 33.60 22.73
N ASN C 22 -3.05 33.76 21.42
CA ASN C 22 -2.74 35.04 20.79
C ASN C 22 -1.43 35.69 21.24
N PRO C 23 -0.30 34.99 21.07
CA PRO C 23 1.00 35.62 21.35
C PRO C 23 1.30 36.72 20.32
N LEU C 24 1.51 37.93 20.80
CA LEU C 24 1.79 39.08 19.91
C LEU C 24 0.90 39.11 18.66
N ARG C 26 -0.32 41.77 16.51
CA ARG C 26 -0.26 42.09 15.08
C ARG C 26 -1.06 41.10 14.23
N ALA C 27 -1.33 39.93 14.79
CA ALA C 27 -2.11 38.91 14.12
C ALA C 27 -3.53 38.92 14.67
N HIS C 28 -4.52 38.68 13.82
CA HIS C 28 -5.90 38.63 14.31
C HIS C 28 -6.04 37.52 15.34
N GLY C 29 -5.20 36.51 15.21
CA GLY C 29 -5.15 35.41 16.15
C GLY C 29 -3.90 34.58 15.91
N SER C 30 -3.31 34.10 16.99
CA SER C 30 -2.12 33.28 16.90
C SER C 30 -2.15 32.27 18.04
N ALA C 31 -1.30 31.26 17.97
CA ALA C 31 -1.31 30.22 18.98
C ALA C 31 -0.01 29.41 18.97
N ARG C 32 0.73 29.48 20.06
CA ARG C 32 1.87 28.59 20.21
C ARG C 32 1.36 27.31 20.87
N TRP C 33 1.16 26.30 20.02
CA TRP C 33 0.58 25.02 20.40
C TRP C 33 1.71 24.01 20.55
N ALA C 34 1.74 23.33 21.69
CA ALA C 34 2.81 22.38 22.00
C ALA C 34 2.26 20.99 22.27
N GLN C 35 2.81 19.99 21.60
CA GLN C 35 2.50 18.60 21.90
C GLN C 35 3.77 17.94 22.37
N GLY C 36 3.88 17.75 23.68
CA GLY C 36 5.17 17.42 24.26
C GLY C 36 6.16 18.43 23.73
N ASP C 37 7.27 17.94 23.18
CA ASP C 37 8.31 18.81 22.66
C ASP C 37 8.12 19.17 21.19
N THR C 38 6.97 18.84 20.63
CA THR C 38 6.59 19.37 19.32
C THR C 38 5.82 20.67 19.53
N ILE C 39 6.37 21.78 19.08
CA ILE C 39 5.68 23.04 19.20
C ILE C 39 5.72 23.82 17.89
N VAL C 40 4.63 24.51 17.60
CA VAL C 40 4.48 25.25 16.37
C VAL C 40 3.91 26.63 16.72
N LEU C 41 4.18 27.63 15.90
CA LEU C 41 3.51 28.92 16.05
C LEU C 41 2.61 29.16 14.88
N ALA C 42 1.31 29.28 15.14
CA ALA C 42 0.31 29.55 14.13
C ALA C 42 -0.14 31.01 14.22
N ALA C 43 -0.18 31.70 13.08
CA ALA C 43 -0.60 33.09 13.02
C ALA C 43 -1.63 33.26 11.92
N VAL C 44 -2.76 33.88 12.26
CA VAL C 44 -3.83 34.09 11.29
C VAL C 44 -4.09 35.56 11.05
N TYR C 45 -4.26 35.90 9.78
CA TYR C 45 -4.46 37.29 9.39
C TYR C 45 -5.82 37.50 8.75
N GLY C 46 -6.75 37.95 9.59
CA GLY C 46 -8.18 38.00 9.36
C GLY C 46 -8.64 38.19 7.94
N PRO C 47 -9.95 38.02 7.70
CA PRO C 47 -10.44 38.12 6.33
C PRO C 47 -10.21 39.53 5.82
N LYS C 48 -9.09 39.76 5.15
CA LYS C 48 -8.80 41.07 4.62
C LYS C 48 -9.37 41.16 3.21
N PRO C 49 -10.03 42.27 2.89
CA PRO C 49 -10.73 42.39 1.61
C PRO C 49 -9.79 42.14 0.44
N GLY C 50 -10.34 41.68 -0.68
CA GLY C 50 -9.54 41.41 -1.86
C GLY C 50 -9.17 39.94 -2.03
N THR C 51 -8.97 39.52 -3.27
CA THR C 51 -8.65 38.14 -3.56
C THR C 51 -7.61 38.00 -4.69
N ARG C 52 -6.33 37.95 -4.29
CA ARG C 52 -5.20 37.86 -5.22
C ARG C 52 -4.97 39.16 -5.99
N LYS C 59 -16.24 31.51 -1.99
CA LYS C 59 -15.42 32.55 -2.62
C LYS C 59 -14.59 33.37 -1.63
N ALA C 60 -14.46 32.88 -0.39
CA ALA C 60 -13.44 33.42 0.51
C ALA C 60 -12.15 32.63 0.28
N SER C 61 -11.01 33.27 0.47
CA SER C 61 -9.74 32.61 0.19
C SER C 61 -8.95 32.33 1.46
N ILE C 62 -8.13 31.29 1.40
CA ILE C 62 -7.16 31.00 2.45
C ILE C 62 -5.79 30.68 1.84
N GLU C 63 -4.73 31.20 2.47
CA GLU C 63 -3.37 30.95 2.01
C GLU C 63 -2.50 30.46 3.16
N VAL C 64 -1.78 29.37 2.93
CA VAL C 64 -0.92 28.82 3.98
C VAL C 64 0.55 28.86 3.60
N VAL C 65 1.40 29.20 4.57
CA VAL C 65 2.84 29.15 4.39
C VAL C 65 3.55 28.50 5.57
N TRP C 66 4.26 27.41 5.27
CA TRP C 66 5.03 26.67 6.26
C TRP C 66 6.40 27.27 6.45
N LYS C 67 6.73 27.57 7.69
CA LYS C 67 8.04 28.09 8.04
C LYS C 67 8.83 26.99 8.75
N PRO C 68 9.90 26.51 8.12
CA PRO C 68 10.80 25.54 8.76
C PRO C 68 11.51 26.16 9.96
N MET C 69 12.05 25.32 10.84
CA MET C 69 12.82 25.80 11.97
C MET C 69 14.10 26.46 11.50
N THR C 70 14.60 26.00 10.34
CA THR C 70 15.82 26.53 9.77
C THR C 70 15.83 26.31 8.25
N GLY C 71 16.24 27.34 7.50
CA GLY C 71 16.42 27.20 6.07
C GLY C 71 15.17 27.38 5.24
N GLN C 72 15.16 26.73 4.06
CA GLN C 72 14.04 26.84 3.14
C GLN C 72 13.21 25.55 3.10
N ILE C 73 11.91 25.71 2.88
CA ILE C 73 10.96 24.61 2.91
C ILE C 73 11.48 23.35 2.20
N GLY C 74 11.81 22.34 2.99
CA GLY C 74 12.17 21.05 2.43
C GLY C 74 11.05 20.51 1.57
N LYS C 75 11.27 19.34 0.99
CA LYS C 75 10.26 18.69 0.16
C LYS C 75 9.26 17.99 1.06
N GLN C 76 9.76 17.50 2.19
CA GLN C 76 8.94 16.88 3.21
C GLN C 76 7.94 17.89 3.81
N GLU C 77 8.40 19.13 4.00
CA GLU C 77 7.57 20.17 4.59
C GLU C 77 6.82 21.01 3.56
N LYS C 78 7.07 20.73 2.29
CA LYS C 78 6.33 21.35 1.19
C LYS C 78 4.98 20.66 1.07
N GLU C 79 4.98 19.37 1.31
CA GLU C 79 3.78 18.57 1.20
C GLU C 79 2.98 18.61 2.50
N TYR C 80 3.63 18.96 3.60
CA TYR C 80 2.92 19.18 4.86
C TYR C 80 2.12 20.47 4.78
N GLU C 81 2.65 21.45 4.07
CA GLU C 81 1.95 22.73 3.93
C GLU C 81 0.84 22.64 2.89
N MET C 82 0.96 21.69 1.97
CA MET C 82 -0.10 21.46 0.99
C MET C 82 -1.23 20.66 1.62
N THR C 83 -0.87 19.72 2.50
CA THR C 83 -1.88 18.95 3.21
C THR C 83 -2.57 19.84 4.22
N LEU C 84 -1.78 20.69 4.86
CA LEU C 84 -2.32 21.70 5.76
C LEU C 84 -3.28 22.65 5.05
N LYS C 85 -2.83 23.20 3.92
CA LYS C 85 -3.67 24.07 3.09
C LYS C 85 -5.04 23.48 2.77
N ARG C 86 -5.09 22.25 2.28
CA ARG C 86 -6.37 21.66 1.86
C ARG C 86 -7.27 21.47 3.07
N THR C 87 -6.69 20.97 4.17
CA THR C 87 -7.45 20.66 5.37
C THR C 87 -8.13 21.89 5.98
N LEU C 88 -7.39 22.98 6.07
CA LEU C 88 -7.95 24.23 6.57
C LEU C 88 -9.01 24.77 5.62
N GLN C 89 -8.82 24.49 4.32
CA GLN C 89 -9.75 24.96 3.29
C GLN C 89 -11.10 24.29 3.39
N SER C 90 -11.11 23.04 3.84
CA SER C 90 -12.36 22.29 3.95
C SER C 90 -13.13 22.62 5.23
N ILE C 91 -12.43 22.96 6.30
CA ILE C 91 -13.10 23.29 7.57
C ILE C 91 -13.58 24.72 7.62
N CYS C 92 -13.01 25.55 6.76
CA CYS C 92 -13.40 26.95 6.72
C CYS C 92 -14.69 27.14 5.94
N LEU C 93 -15.59 27.91 6.55
CA LEU C 93 -16.85 28.31 5.96
C LEU C 93 -16.52 29.41 4.95
N LEU C 94 -16.23 29.03 3.71
CA LEU C 94 -15.72 29.99 2.72
C LEU C 94 -16.80 30.85 2.05
N THR C 95 -18.03 30.70 2.52
CA THR C 95 -19.20 31.35 1.95
C THR C 95 -19.53 32.65 2.71
N VAL C 96 -19.07 32.74 3.95
CA VAL C 96 -19.43 33.85 4.85
C VAL C 96 -18.96 35.22 4.35
N HIS C 97 -17.64 35.40 4.20
CA HIS C 97 -17.19 36.61 3.51
C HIS C 97 -16.44 36.35 2.24
N PRO C 98 -17.17 36.43 1.11
CA PRO C 98 -16.58 36.36 -0.23
C PRO C 98 -15.61 37.52 -0.42
N ASN C 99 -14.76 37.45 -1.44
CA ASN C 99 -13.87 38.55 -1.77
C ASN C 99 -12.93 38.87 -0.62
N THR C 100 -12.49 37.82 0.06
CA THR C 100 -11.63 37.97 1.20
C THR C 100 -10.49 36.97 1.17
N THR C 101 -9.37 37.33 1.77
CA THR C 101 -8.23 36.45 1.84
C THR C 101 -7.71 36.37 3.26
N THR C 102 -7.81 35.19 3.84
CA THR C 102 -7.27 34.96 5.18
C THR C 102 -5.98 34.17 5.06
N SER C 103 -4.92 34.71 5.65
CA SER C 103 -3.60 34.13 5.52
C SER C 103 -3.11 33.51 6.81
N VAL C 104 -2.82 32.22 6.78
CA VAL C 104 -2.27 31.56 7.95
C VAL C 104 -0.84 31.08 7.72
N ILE C 105 0.01 31.35 8.70
CA ILE C 105 1.41 30.95 8.63
C ILE C 105 1.75 30.14 9.87
N LEU C 106 2.51 29.07 9.67
CA LEU C 106 3.01 28.27 10.79
C LEU C 106 4.51 28.32 10.88
N GLN C 107 4.99 28.88 11.97
CA GLN C 107 6.38 28.78 12.28
C GLN C 107 6.58 27.46 13.02
N VAL C 108 7.49 26.62 12.53
CA VAL C 108 7.84 25.42 13.26
C VAL C 108 8.87 25.83 14.31
N VAL C 109 8.60 25.51 15.57
CA VAL C 109 9.46 25.92 16.69
C VAL C 109 10.19 24.73 17.28
N GLY C 110 9.44 23.66 17.56
CA GLY C 110 10.02 22.42 18.04
C GLY C 110 9.52 21.27 17.20
N ASN C 111 10.31 20.21 17.12
CA ASN C 111 9.92 19.04 16.32
C ASN C 111 10.28 17.72 16.98
N ASP C 112 9.29 17.10 17.61
CA ASP C 112 9.49 15.80 18.24
C ASP C 112 8.37 14.81 17.89
N GLY C 113 8.07 14.70 16.61
CA GLY C 113 7.05 13.77 16.14
C GLY C 113 5.67 14.38 16.02
N SER C 114 4.85 13.76 15.17
CA SER C 114 3.49 14.24 14.89
C SER C 114 3.44 15.73 14.57
N LEU C 115 4.43 16.18 13.77
CA LEU C 115 4.55 17.58 13.37
C LEU C 115 3.33 18.08 12.59
N LEU C 116 2.88 17.30 11.60
CA LEU C 116 1.77 17.72 10.76
C LEU C 116 0.49 17.91 11.58
N PRO C 117 0.12 16.91 12.39
CA PRO C 117 -1.06 17.00 13.27
C PRO C 117 -1.00 18.16 14.27
N CYS C 118 0.15 18.39 14.87
CA CYS C 118 0.33 19.51 15.78
C CYS C 118 0.06 20.84 15.05
N ALA C 119 0.54 20.92 13.82
CA ALA C 119 0.35 22.10 12.99
C ALA C 119 -1.12 22.30 12.65
N ILE C 120 -1.81 21.22 12.32
CA ILE C 120 -3.24 21.27 12.03
C ILE C 120 -4.04 21.78 13.23
N ASN C 121 -3.71 21.25 14.41
CA ASN C 121 -4.38 21.64 15.64
C ASN C 121 -4.16 23.11 16.02
N ALA C 122 -2.88 23.52 16.03
CA ALA C 122 -2.53 24.91 16.34
C ALA C 122 -3.22 25.89 15.39
N CYS C 123 -3.33 25.50 14.13
CA CYS C 123 -3.94 26.35 13.11
C CYS C 123 -5.45 26.47 13.31
N CYS C 124 -6.09 25.37 13.73
CA CYS C 124 -7.51 25.38 14.03
C CYS C 124 -7.80 26.35 15.18
N ALA C 125 -7.01 26.25 16.24
CA ALA C 125 -7.09 27.19 17.35
C ALA C 125 -6.94 28.64 16.88
N ALA C 126 -5.86 28.93 16.16
CA ALA C 126 -5.60 30.28 15.66
C ALA C 126 -6.79 30.87 14.89
N LEU C 127 -7.43 30.04 14.07
CA LEU C 127 -8.59 30.44 13.27
C LEU C 127 -9.78 30.78 14.17
N VAL C 128 -10.01 29.95 15.18
CA VAL C 128 -11.00 30.25 16.20
C VAL C 128 -10.66 31.55 16.93
N PHE C 129 -9.38 31.76 17.22
CA PHE C 129 -8.95 32.98 17.89
C PHE C 129 -9.20 34.22 17.03
N ALA C 130 -8.96 34.09 15.73
CA ALA C 130 -9.08 35.22 14.81
C ALA C 130 -10.53 35.46 14.39
N GLY C 131 -11.43 34.57 14.80
CA GLY C 131 -12.82 34.66 14.40
C GLY C 131 -12.99 34.39 12.92
N ILE C 132 -12.39 33.29 12.46
CA ILE C 132 -12.58 32.85 11.08
C ILE C 132 -13.61 31.73 11.04
N PRO C 133 -14.69 31.91 10.26
CA PRO C 133 -15.85 31.01 10.21
C PRO C 133 -15.50 29.56 9.83
N LEU C 134 -15.87 28.63 10.72
CA LEU C 134 -15.56 27.21 10.57
C LEU C 134 -16.81 26.33 10.53
N LYS C 135 -16.77 25.28 9.71
CA LYS C 135 -17.84 24.30 9.69
C LYS C 135 -17.78 23.48 10.97
N HIS C 136 -16.56 23.17 11.38
CA HIS C 136 -16.30 22.39 12.58
C HIS C 136 -14.84 22.55 12.96
N LEU C 137 -14.51 22.14 14.18
CA LEU C 137 -13.12 22.04 14.59
C LEU C 137 -12.48 20.94 13.76
N ALA C 138 -11.20 21.12 13.46
CA ALA C 138 -10.39 20.03 12.93
C ALA C 138 -9.51 19.58 14.09
N VAL C 139 -9.46 18.28 14.30
CA VAL C 139 -8.68 17.69 15.37
C VAL C 139 -7.79 16.62 14.76
N ALA C 140 -6.48 16.80 14.83
CA ALA C 140 -5.55 15.88 14.18
C ALA C 140 -4.80 14.99 15.17
N ILE C 141 -4.55 13.76 14.76
CA ILE C 141 -3.72 12.86 15.53
C ILE C 141 -2.80 12.07 14.60
N GLY C 142 -1.53 12.00 14.97
CA GLY C 142 -0.57 11.18 14.25
C GLY C 142 -0.59 9.78 14.82
N CYS C 143 -0.97 8.81 13.99
CA CYS C 143 -1.03 7.42 14.41
C CYS C 143 0.08 6.62 13.76
N GLY C 144 0.61 5.65 14.48
CA GLY C 144 1.63 4.78 13.94
C GLY C 144 1.33 3.32 14.24
N VAL C 145 1.80 2.42 13.39
CA VAL C 145 1.65 1.00 13.67
C VAL C 145 2.98 0.24 13.55
N VAL C 151 -0.19 0.14 17.20
CA VAL C 151 -1.40 0.84 17.64
C VAL C 151 -1.20 2.33 17.91
N ILE C 152 -0.01 2.70 18.37
CA ILE C 152 0.20 3.95 19.12
C ILE C 152 -0.20 5.29 18.47
N LEU C 153 -0.69 6.20 19.31
CA LEU C 153 -1.20 7.51 18.89
C LEU C 153 -0.32 8.64 19.38
N ASP C 154 -0.29 9.73 18.62
CA ASP C 154 0.55 10.89 18.94
C ASP C 154 2.00 10.50 19.14
N THR C 155 2.63 10.05 18.06
CA THR C 155 3.96 9.48 18.12
C THR C 155 5.02 10.57 18.19
N ASN C 156 6.11 10.31 18.89
CA ASN C 156 7.21 11.25 18.93
C ASN C 156 8.29 10.88 17.92
N LYS C 157 9.35 11.67 17.91
CA LYS C 157 10.48 11.46 17.01
C LYS C 157 10.96 10.00 17.01
N ALA C 158 11.53 9.57 18.12
CA ALA C 158 12.07 8.23 18.26
C ALA C 158 11.07 7.16 17.81
N GLU C 159 9.87 7.21 18.39
CA GLU C 159 8.81 6.28 18.02
C GLU C 159 8.61 6.22 16.51
N GLU C 160 8.62 7.39 15.87
CA GLU C 160 8.37 7.47 14.43
C GLU C 160 9.48 6.81 13.62
N GLN C 161 10.69 6.86 14.14
CA GLN C 161 11.84 6.30 13.43
C GLN C 161 11.75 4.77 13.40
N GLN C 162 10.95 4.21 14.30
CA GLN C 162 10.85 2.76 14.46
C GLN C 162 9.53 2.19 13.93
N LEU C 163 8.72 3.06 13.31
CA LEU C 163 7.38 2.70 12.85
C LEU C 163 7.37 1.97 11.50
N LYS C 164 6.48 0.99 11.38
CA LYS C 164 6.24 0.27 10.13
C LYS C 164 5.41 1.10 9.15
N SER C 165 4.39 1.76 9.69
CA SER C 165 3.56 2.68 8.92
C SER C 165 2.91 3.73 9.82
N PHE C 166 2.29 4.73 9.19
CA PHE C 166 1.57 5.73 9.97
C PHE C 166 0.49 6.47 9.18
N ALA C 167 -0.39 7.11 9.92
CA ALA C 167 -1.54 7.78 9.33
C ALA C 167 -1.71 9.13 10.01
N HIS C 168 -1.78 10.17 9.20
CA HIS C 168 -2.21 11.48 9.66
C HIS C 168 -3.72 11.59 9.49
N LEU C 169 -4.44 11.54 10.60
CA LEU C 169 -5.90 11.59 10.58
C LEU C 169 -6.43 12.85 11.24
N VAL C 170 -7.29 13.59 10.54
CA VAL C 170 -7.95 14.74 11.14
C VAL C 170 -9.48 14.60 11.14
N PHE C 171 -10.05 14.59 12.34
CA PHE C 171 -11.46 14.34 12.55
C PHE C 171 -12.22 15.66 12.63
N PRO C 172 -13.44 15.69 12.06
CA PRO C 172 -14.28 16.89 12.11
C PRO C 172 -14.84 17.12 13.51
N LEU C 194 -14.75 13.36 8.27
CA LEU C 194 -13.44 12.75 8.06
C LEU C 194 -12.66 13.60 7.07
N ILE C 195 -12.02 14.65 7.60
CA ILE C 195 -11.44 15.72 6.80
C ILE C 195 -10.22 15.28 5.99
N THR C 196 -9.29 14.58 6.64
CA THR C 196 -8.02 14.23 6.03
C THR C 196 -7.48 12.90 6.56
N SER C 197 -7.04 12.05 5.65
CA SER C 197 -6.34 10.83 6.01
C SER C 197 -5.26 10.54 4.98
N ILE C 198 -4.01 10.62 5.42
CA ILE C 198 -2.87 10.29 4.58
C ILE C 198 -2.01 9.30 5.35
N THR C 199 -1.66 8.20 4.69
CA THR C 199 -0.86 7.15 5.31
C THR C 199 0.45 7.00 4.56
N HIS C 200 1.48 6.52 5.26
CA HIS C 200 2.77 6.24 4.65
C HIS C 200 3.22 4.86 5.11
N GLY C 201 3.90 4.14 4.23
CA GLY C 201 4.27 2.76 4.50
C GLY C 201 3.10 1.83 4.30
N MET C 203 -0.10 -0.09 5.17
CA MET C 203 -0.87 -0.47 6.34
C MET C 203 -2.06 -1.38 5.98
N SER C 204 -2.24 -2.43 6.79
CA SER C 204 -3.38 -3.33 6.68
C SER C 204 -4.69 -2.57 6.89
N GLU C 205 -5.75 -2.99 6.22
CA GLU C 205 -7.05 -2.35 6.38
C GLU C 205 -7.64 -2.63 7.75
N GLU C 206 -7.05 -3.58 8.47
CA GLU C 206 -7.46 -3.90 9.83
C GLU C 206 -6.82 -2.89 10.79
N ASP C 207 -5.55 -2.58 10.55
CA ASP C 207 -4.83 -1.61 11.35
C ASP C 207 -5.32 -0.19 11.09
N TYR C 208 -5.53 0.14 9.82
CA TYR C 208 -6.07 1.43 9.44
C TYR C 208 -7.38 1.72 10.17
N PHE C 209 -8.32 0.81 10.08
CA PHE C 209 -9.62 1.01 10.71
C PHE C 209 -9.49 1.16 12.23
N SER C 210 -8.44 0.57 12.80
CA SER C 210 -8.19 0.71 14.23
C SER C 210 -7.52 2.04 14.55
N CYS C 211 -6.73 2.55 13.61
CA CYS C 211 -6.21 3.90 13.74
C CYS C 211 -7.37 4.88 13.78
N ILE C 212 -8.32 4.72 12.86
CA ILE C 212 -9.46 5.62 12.80
C ILE C 212 -10.34 5.53 14.05
N GLU C 213 -10.64 4.31 14.49
CA GLU C 213 -11.47 4.08 15.67
C GLU C 213 -10.85 4.65 16.96
N ARG C 214 -9.58 4.35 17.19
CA ARG C 214 -8.85 4.81 18.36
C ARG C 214 -8.45 6.29 18.31
N GLY C 215 -8.19 6.80 17.12
CA GLY C 215 -7.98 8.23 16.96
C GLY C 215 -9.28 8.93 17.33
N LEU C 216 -10.34 8.63 16.59
CA LEU C 216 -11.66 9.22 16.83
C LEU C 216 -11.94 9.39 18.31
N ALA C 217 -11.83 8.29 19.05
CA ALA C 217 -12.17 8.27 20.46
C ALA C 217 -11.31 9.21 21.31
N ALA C 218 -10.01 9.21 21.03
CA ALA C 218 -9.04 10.00 21.79
C ALA C 218 -9.11 11.48 21.43
N SER C 219 -9.57 11.77 20.21
CA SER C 219 -9.64 13.13 19.71
C SER C 219 -10.52 14.02 20.59
N SER C 220 -11.38 13.40 21.38
CA SER C 220 -12.25 14.13 22.32
C SER C 220 -11.46 14.92 23.37
N ARG C 221 -10.28 14.41 23.75
CA ARG C 221 -9.41 15.11 24.67
C ARG C 221 -9.03 16.49 24.11
N ILE C 222 -8.88 16.56 22.79
CA ILE C 222 -8.38 17.76 22.13
C ILE C 222 -9.46 18.79 21.80
N SER C 223 -10.56 18.32 21.21
CA SER C 223 -11.68 19.20 20.91
C SER C 223 -12.32 19.74 22.19
N ASP C 224 -12.23 18.98 23.27
CA ASP C 224 -12.71 19.46 24.56
C ASP C 224 -11.85 20.62 24.99
N PHE C 225 -10.54 20.40 24.94
CA PHE C 225 -9.55 21.40 25.29
C PHE C 225 -9.78 22.70 24.54
N MET C 226 -10.00 22.60 23.23
CA MET C 226 -10.27 23.74 22.36
C MET C 226 -11.60 24.44 22.65
N ARG C 227 -12.60 23.66 23.06
CA ARG C 227 -13.94 24.19 23.27
C ARG C 227 -14.14 24.78 24.66
N THR C 228 -13.38 24.27 25.63
CA THR C 228 -13.53 24.71 27.00
C THR C 228 -12.40 25.62 27.46
N THR C 229 -11.26 25.04 27.77
CA THR C 229 -10.17 25.79 28.38
C THR C 229 -9.51 26.77 27.41
N LEU C 230 -9.45 26.40 26.14
CA LEU C 230 -8.85 27.24 25.12
C LEU C 230 -9.81 28.38 24.78
N GLN C 231 -11.08 28.14 25.09
CA GLN C 231 -12.19 29.03 24.80
C GLN C 231 -12.52 29.77 26.08
N LYS C 232 -11.51 29.94 26.92
CA LYS C 232 -11.74 30.58 28.21
C LYS C 232 -12.19 32.01 28.01
N GLN C 233 -12.38 32.72 29.12
CA GLN C 233 -12.79 34.12 29.10
C GLN C 233 -11.58 35.03 29.38
#